data_9JSQ
#
_entry.id   9JSQ
#
_cell.length_a   135.490
_cell.length_b   135.490
_cell.length_c   66.860
_cell.angle_alpha   90.000
_cell.angle_beta   90.000
_cell.angle_gamma   90.000
#
_symmetry.space_group_name_H-M   'P 42 21 2'
#
loop_
_entity.id
_entity.type
_entity.pdbx_description
1 polymer 'Dihydroxy-acid dehydratase, chloroplastic'
2 non-polymer 'FE2/S2 (INORGANIC) CLUSTER'
3 water water
#
_entity_poly.entity_id   1
_entity_poly.type   'polypeptide(L)'
_entity_poly.pdbx_seq_one_letter_code
;GSIISCSAQSVTADPSPPITDTNKLNKYSSRITEPKSQGGSQAILHGVGLSDDDLLKPQIGISSVWYEGNTCNMHLLKLS
EAVKEGVENAGMVGFRFNTIGVSDAISMGTRGMCFSLQSRDLIADSIETVMSAQWYDGNISIPGCDKNMPGTIMAMGRLN
RPGIMVYGGTIKPGHFQDKTYDFVSAFQSYGEFVSGSISDEQRKTVLHHSCPGAGACGGMYTANTMASAIEAMGMSLPYS
SSIPAEDPLKLDECRLAGKYLLELLKMDLKPRDIITPKSLRNAMVSVMALGGSTNAVLHLIAIARSVGLELTLDDFQKVS
DAVPFLADLKPSGKYVMEDIHKIGGTPAVLRYLLELGLMDGDCMTVTGQTLAQNLENVPSLTEGQEIIRPLSNPIKETGH
IQILRGDLAPDGSVAKITGKEGLYFSGPALVFEGEESMLAAISADPMSFKGTVVVIRGEGPKGGPGMPEMLTPTSAIMGA
GLGKECALLTDGRFSGGSHGFVVGHICPEAQEGGPIGLIKNGDIITIDIGAARIDTQVSPEEMNDRRKKWTAPAYKVNRG
VLYKYIKNVQSASDGCVTDE
;
_entity_poly.pdbx_strand_id   A
#
loop_
_chem_comp.id
_chem_comp.type
_chem_comp.name
_chem_comp.formula
FES non-polymer 'FE2/S2 (INORGANIC) CLUSTER' 'Fe2 S2'
#
# COMPACT_ATOMS: atom_id res chain seq x y z
N GLN A 9 -1.28 22.46 -4.49
CA GLN A 9 -0.16 22.75 -5.36
C GLN A 9 -0.50 22.44 -6.81
N SER A 10 -0.03 23.29 -7.74
CA SER A 10 -0.33 23.12 -9.15
C SER A 10 0.48 21.98 -9.71
N VAL A 11 -0.18 20.86 -10.01
CA VAL A 11 0.46 19.70 -10.60
C VAL A 11 0.27 19.77 -12.11
N THR A 12 1.35 20.05 -12.83
CA THR A 12 1.35 20.10 -14.29
C THR A 12 2.04 18.85 -14.81
N ALA A 13 1.27 17.93 -15.39
CA ALA A 13 1.83 16.66 -15.82
C ALA A 13 1.18 16.13 -17.09
N ASP A 14 -0.13 16.30 -17.21
CA ASP A 14 -0.91 15.65 -18.25
C ASP A 14 -1.68 16.67 -19.06
N PRO A 15 -2.08 16.33 -20.29
CA PRO A 15 -2.78 17.30 -21.15
C PRO A 15 -4.08 17.77 -20.53
N SER A 16 -4.43 19.01 -20.85
CA SER A 16 -5.66 19.70 -20.46
C SER A 16 -6.74 19.48 -21.51
N PRO A 17 -8.01 19.52 -21.13
CA PRO A 17 -9.08 19.36 -22.11
C PRO A 17 -9.14 20.53 -23.06
N PRO A 18 -9.46 20.29 -24.35
CA PRO A 18 -9.54 21.35 -25.36
C PRO A 18 -10.63 22.38 -25.04
N THR A 22 -18.06 22.53 -21.64
CA THR A 22 -17.90 22.44 -20.19
C THR A 22 -18.82 21.37 -19.62
N ASN A 23 -20.08 21.37 -20.07
CA ASN A 23 -21.04 20.35 -19.68
C ASN A 23 -21.01 19.13 -20.59
N LYS A 24 -20.01 19.03 -21.46
CA LYS A 24 -19.86 17.83 -22.27
C LYS A 24 -19.33 16.68 -21.43
N LEU A 25 -19.71 15.46 -21.80
CA LEU A 25 -19.23 14.28 -21.12
C LEU A 25 -17.97 13.70 -21.76
N ASN A 26 -17.60 14.17 -22.95
CA ASN A 26 -16.38 13.72 -23.62
C ASN A 26 -15.38 14.86 -23.73
N LYS A 27 -15.04 15.48 -22.59
CA LYS A 27 -14.19 16.66 -22.60
C LYS A 27 -12.82 16.39 -23.21
N TYR A 28 -12.32 15.16 -23.09
CA TYR A 28 -11.00 14.80 -23.60
C TYR A 28 -11.06 14.08 -24.94
N SER A 29 -11.92 13.07 -25.08
CA SER A 29 -11.99 12.31 -26.32
C SER A 29 -12.48 13.16 -27.49
N SER A 30 -13.18 14.25 -27.22
CA SER A 30 -13.57 15.17 -28.29
C SER A 30 -12.38 15.84 -28.96
N ARG A 31 -11.19 15.75 -28.36
CA ARG A 31 -10.00 16.29 -29.00
C ARG A 31 -9.67 15.54 -30.28
N ILE A 32 -10.04 14.27 -30.36
CA ILE A 32 -9.73 13.44 -31.53
C ILE A 32 -10.96 12.98 -32.28
N THR A 33 -12.16 13.03 -31.68
CA THR A 33 -13.36 12.53 -32.33
C THR A 33 -14.17 13.62 -33.03
N GLU A 34 -13.95 14.89 -32.70
CA GLU A 34 -14.74 15.98 -33.27
C GLU A 34 -14.00 16.80 -34.30
N PRO A 35 -12.71 17.16 -34.11
CA PRO A 35 -12.04 17.96 -35.13
C PRO A 35 -11.81 17.18 -36.42
N LYS A 36 -11.89 17.91 -37.53
CA LYS A 36 -11.63 17.31 -38.83
C LYS A 36 -10.14 17.17 -39.13
N SER A 37 -9.29 17.93 -38.43
CA SER A 37 -7.85 17.75 -38.54
C SER A 37 -7.38 16.46 -37.90
N GLN A 38 -8.25 15.78 -37.13
CA GLN A 38 -7.93 14.50 -36.51
C GLN A 38 -8.61 13.35 -37.25
N GLY A 39 -8.68 13.46 -38.58
CA GLY A 39 -9.30 12.40 -39.36
C GLY A 39 -8.58 11.08 -39.26
N GLY A 40 -7.27 11.11 -39.06
CA GLY A 40 -6.53 9.87 -38.88
C GLY A 40 -6.85 9.18 -37.57
N SER A 41 -7.16 9.96 -36.52
CA SER A 41 -7.56 9.36 -35.25
C SER A 41 -8.92 8.69 -35.37
N GLN A 42 -9.83 9.29 -36.14
CA GLN A 42 -11.16 8.71 -36.29
C GLN A 42 -11.14 7.45 -37.14
N ALA A 43 -10.19 7.34 -38.08
CA ALA A 43 -10.11 6.15 -38.91
C ALA A 43 -9.68 4.94 -38.09
N ILE A 44 -8.73 5.12 -37.16
CA ILE A 44 -8.33 4.03 -36.29
C ILE A 44 -9.48 3.66 -35.36
N LEU A 45 -10.20 4.66 -34.84
CA LEU A 45 -11.35 4.39 -34.00
C LEU A 45 -12.43 3.63 -34.77
N HIS A 46 -12.60 3.95 -36.06
CA HIS A 46 -13.48 3.14 -36.90
C HIS A 46 -12.91 1.74 -37.09
N GLY A 47 -11.58 1.61 -37.11
CA GLY A 47 -10.98 0.30 -37.28
C GLY A 47 -11.20 -0.62 -36.09
N VAL A 48 -11.23 -0.06 -34.88
CA VAL A 48 -11.47 -0.89 -33.69
C VAL A 48 -12.94 -1.11 -33.42
N GLY A 49 -13.83 -0.54 -34.23
CA GLY A 49 -15.24 -0.89 -34.16
C GLY A 49 -16.19 0.20 -33.73
N LEU A 50 -15.75 1.46 -33.76
CA LEU A 50 -16.60 2.58 -33.35
C LEU A 50 -17.39 3.11 -34.54
N SER A 51 -18.68 3.30 -34.34
CA SER A 51 -19.54 3.87 -35.37
C SER A 51 -19.48 5.40 -35.30
N ASP A 52 -20.19 6.06 -36.22
CA ASP A 52 -20.25 7.51 -36.20
C ASP A 52 -20.95 8.02 -34.95
N ASP A 53 -21.98 7.30 -34.50
CA ASP A 53 -22.63 7.66 -33.24
C ASP A 53 -21.73 7.37 -32.04
N ASP A 54 -20.85 6.36 -32.15
CA ASP A 54 -19.95 6.05 -31.06
C ASP A 54 -18.95 7.16 -30.81
N LEU A 55 -18.62 7.94 -31.85
CA LEU A 55 -17.66 9.03 -31.72
C LEU A 55 -18.17 10.15 -30.83
N LEU A 56 -19.45 10.17 -30.50
CA LEU A 56 -20.03 11.19 -29.64
C LEU A 56 -20.05 10.80 -28.17
N LYS A 57 -19.82 9.53 -27.86
CA LYS A 57 -19.92 9.03 -26.49
C LYS A 57 -18.61 9.23 -25.75
N PRO A 58 -18.65 9.26 -24.42
CA PRO A 58 -17.40 9.30 -23.65
C PRO A 58 -16.63 8.00 -23.80
N GLN A 59 -15.31 8.11 -23.70
CA GLN A 59 -14.40 6.96 -23.82
C GLN A 59 -13.79 6.68 -22.46
N ILE A 60 -13.93 5.44 -22.00
CA ILE A 60 -13.49 5.04 -20.67
C ILE A 60 -12.28 4.11 -20.82
N GLY A 61 -11.18 4.48 -20.18
CA GLY A 61 -10.01 3.62 -20.12
C GLY A 61 -10.10 2.63 -18.99
N ILE A 62 -10.07 1.35 -19.30
CA ILE A 62 -10.26 0.27 -18.34
C ILE A 62 -8.91 -0.40 -18.15
N SER A 63 -8.26 -0.12 -17.01
CA SER A 63 -6.89 -0.55 -16.74
C SER A 63 -6.90 -1.69 -15.74
N SER A 64 -6.56 -2.88 -16.20
CA SER A 64 -6.43 -4.05 -15.33
C SER A 64 -4.95 -4.34 -15.07
N VAL A 65 -4.70 -5.04 -13.97
CA VAL A 65 -3.35 -5.49 -13.64
C VAL A 65 -3.36 -7.01 -13.65
N TRP A 66 -3.67 -7.60 -14.81
CA TRP A 66 -3.80 -9.04 -14.92
C TRP A 66 -2.48 -9.68 -15.35
N TYR A 67 -2.12 -10.76 -14.67
CA TYR A 67 -1.05 -11.64 -15.14
C TYR A 67 -1.27 -13.00 -14.50
N GLU A 68 -0.72 -14.03 -15.16
CA GLU A 68 -1.01 -15.41 -14.80
C GLU A 68 -0.10 -15.95 -13.70
N GLY A 69 0.90 -15.18 -13.27
CA GLY A 69 1.86 -15.68 -12.30
C GLY A 69 1.53 -15.39 -10.86
N ASN A 70 0.29 -15.03 -10.57
CA ASN A 70 -0.11 -14.73 -9.20
C ASN A 70 -1.59 -15.04 -9.04
N THR A 71 -1.94 -15.68 -7.93
CA THR A 71 -3.34 -15.94 -7.62
C THR A 71 -4.12 -14.65 -7.41
N CYS A 72 -3.44 -13.58 -7.00
N CYS A 72 -3.41 -13.59 -6.99
CA CYS A 72 -4.14 -12.32 -6.74
CA CYS A 72 -4.05 -12.30 -6.76
C CYS A 72 -4.38 -11.51 -8.01
C CYS A 72 -4.59 -11.69 -8.05
N ASN A 73 -3.97 -12.00 -9.18
CA ASN A 73 -4.22 -11.27 -10.42
C ASN A 73 -4.64 -12.15 -11.59
N MET A 74 -4.70 -13.47 -11.43
CA MET A 74 -4.93 -14.35 -12.58
C MET A 74 -6.34 -14.26 -13.13
N HIS A 75 -7.28 -13.66 -12.40
CA HIS A 75 -8.68 -13.63 -12.81
C HIS A 75 -9.18 -12.21 -13.05
N LEU A 76 -8.29 -11.25 -13.25
CA LEU A 76 -8.71 -9.86 -13.44
C LEU A 76 -9.17 -9.59 -14.87
N LEU A 77 -8.81 -10.44 -15.83
CA LEU A 77 -9.32 -10.28 -17.18
C LEU A 77 -10.82 -10.54 -17.24
N LYS A 78 -11.32 -11.46 -16.42
CA LYS A 78 -12.76 -11.67 -16.32
C LYS A 78 -13.45 -10.43 -15.78
N LEU A 79 -12.91 -9.84 -14.72
CA LEU A 79 -13.48 -8.61 -14.19
C LEU A 79 -13.39 -7.48 -15.20
N SER A 80 -12.29 -7.40 -15.95
CA SER A 80 -12.15 -6.35 -16.96
CA SER A 80 -12.15 -6.35 -16.96
C SER A 80 -13.23 -6.46 -18.02
N GLU A 81 -13.57 -7.69 -18.42
CA GLU A 81 -14.60 -7.88 -19.42
C GLU A 81 -15.97 -7.44 -18.91
N ALA A 82 -16.26 -7.70 -17.64
CA ALA A 82 -17.53 -7.27 -17.06
C ALA A 82 -17.57 -5.75 -16.89
N VAL A 83 -16.44 -5.13 -16.61
CA VAL A 83 -16.39 -3.67 -16.51
C VAL A 83 -16.70 -3.03 -17.86
N LYS A 84 -16.13 -3.58 -18.93
CA LYS A 84 -16.39 -3.05 -20.27
C LYS A 84 -17.84 -3.21 -20.66
N GLU A 85 -18.46 -4.33 -20.28
CA GLU A 85 -19.88 -4.51 -20.55
C GLU A 85 -20.72 -3.48 -19.81
N GLY A 86 -20.40 -3.22 -18.54
CA GLY A 86 -21.12 -2.21 -17.79
C GLY A 86 -20.94 -0.81 -18.36
N VAL A 87 -19.74 -0.51 -18.88
CA VAL A 87 -19.50 0.78 -19.50
C VAL A 87 -20.36 0.93 -20.76
N GLU A 88 -20.50 -0.15 -21.54
CA GLU A 88 -21.34 -0.09 -22.73
C GLU A 88 -22.81 0.00 -22.37
N ASN A 89 -23.23 -0.67 -21.29
CA ASN A 89 -24.62 -0.58 -20.85
C ASN A 89 -24.97 0.82 -20.39
N ALA A 90 -23.98 1.58 -19.91
CA ALA A 90 -24.17 2.98 -19.54
C ALA A 90 -24.10 3.91 -20.74
N GLY A 91 -24.01 3.38 -21.95
CA GLY A 91 -23.96 4.21 -23.14
C GLY A 91 -22.63 4.86 -23.42
N MET A 92 -21.52 4.22 -23.00
CA MET A 92 -20.19 4.75 -23.20
C MET A 92 -19.33 3.74 -23.93
N VAL A 93 -18.12 4.16 -24.29
CA VAL A 93 -17.17 3.33 -25.01
C VAL A 93 -16.09 2.87 -24.04
N GLY A 94 -15.79 1.57 -24.05
CA GLY A 94 -14.80 1.01 -23.16
C GLY A 94 -13.57 0.50 -23.88
N PHE A 95 -12.41 1.01 -23.47
CA PHE A 95 -11.12 0.61 -24.04
C PHE A 95 -10.30 -0.05 -22.93
N ARG A 96 -10.10 -1.36 -23.05
CA ARG A 96 -9.36 -2.11 -22.05
C ARG A 96 -7.88 -2.10 -22.37
N PHE A 97 -7.06 -1.81 -21.37
CA PHE A 97 -5.62 -2.00 -21.46
C PHE A 97 -5.12 -2.56 -20.14
N ASN A 98 -3.93 -3.16 -20.17
CA ASN A 98 -3.42 -3.90 -19.03
C ASN A 98 -1.97 -3.51 -18.77
N THR A 99 -1.64 -3.35 -17.49
CA THR A 99 -0.30 -3.02 -17.05
C THR A 99 0.32 -4.22 -16.33
N ILE A 100 1.58 -4.08 -15.95
CA ILE A 100 2.33 -5.16 -15.33
C ILE A 100 2.14 -5.13 -13.81
N GLY A 101 2.63 -6.18 -13.14
CA GLY A 101 2.56 -6.29 -11.70
C GLY A 101 3.36 -7.47 -11.21
N VAL A 102 3.88 -7.41 -9.99
CA VAL A 102 4.73 -8.48 -9.47
C VAL A 102 4.14 -8.97 -8.15
N SER A 103 4.47 -10.22 -7.83
CA SER A 103 3.94 -10.89 -6.65
C SER A 103 5.01 -10.95 -5.57
N ASP A 104 4.73 -10.35 -4.42
CA ASP A 104 5.68 -10.39 -3.31
C ASP A 104 5.78 -11.79 -2.72
N ALA A 105 4.69 -12.56 -2.71
CA ALA A 105 4.73 -13.91 -2.17
C ALA A 105 5.66 -14.81 -2.97
N ILE A 106 5.84 -14.50 -4.26
CA ILE A 106 6.74 -15.31 -5.09
C ILE A 106 8.18 -14.92 -4.85
N SER A 107 8.47 -13.61 -4.78
CA SER A 107 9.84 -13.12 -4.72
C SER A 107 10.34 -12.89 -3.29
N MET A 108 9.51 -13.11 -2.28
CA MET A 108 9.94 -12.88 -0.91
C MET A 108 11.13 -13.76 -0.55
N GLY A 109 12.20 -13.13 -0.07
CA GLY A 109 13.42 -13.82 0.26
C GLY A 109 14.45 -13.87 -0.84
N THR A 110 14.20 -13.24 -1.98
CA THR A 110 15.12 -13.23 -3.11
C THR A 110 15.40 -11.78 -3.51
N ARG A 111 16.38 -11.63 -4.41
CA ARG A 111 16.69 -10.30 -4.95
C ARG A 111 15.56 -9.75 -5.79
N GLY A 112 14.62 -10.59 -6.22
CA GLY A 112 13.46 -10.11 -6.96
C GLY A 112 12.59 -9.15 -6.17
N MET A 113 12.71 -9.14 -4.84
CA MET A 113 11.96 -8.19 -4.02
C MET A 113 12.42 -6.76 -4.25
N CYS A 114 13.62 -6.57 -4.83
CA CYS A 114 14.09 -5.23 -5.14
C CYS A 114 13.23 -4.54 -6.20
N PHE A 115 12.42 -5.31 -6.94
CA PHE A 115 11.58 -4.77 -7.99
C PHE A 115 10.14 -4.57 -7.55
N SER A 116 9.83 -4.83 -6.28
CA SER A 116 8.44 -4.83 -5.85
C SER A 116 7.89 -3.42 -5.70
N LEU A 117 8.48 -2.63 -4.79
CA LEU A 117 7.91 -1.32 -4.47
C LEU A 117 7.92 -0.40 -5.68
N GLN A 118 8.98 -0.47 -6.50
CA GLN A 118 9.07 0.40 -7.66
C GLN A 118 7.98 0.13 -8.69
N SER A 119 7.40 -1.08 -8.69
CA SER A 119 6.35 -1.40 -9.65
C SER A 119 5.10 -0.55 -9.40
N ARG A 120 4.90 -0.09 -8.17
CA ARG A 120 3.79 0.82 -7.89
C ARG A 120 3.92 2.10 -8.71
N ASP A 121 5.12 2.69 -8.72
CA ASP A 121 5.34 3.89 -9.51
C ASP A 121 5.38 3.60 -11.00
N LEU A 122 5.84 2.39 -11.37
CA LEU A 122 5.78 1.99 -12.78
C LEU A 122 4.33 1.90 -13.26
N ILE A 123 3.43 1.43 -12.39
CA ILE A 123 2.03 1.31 -12.77
C ILE A 123 1.38 2.68 -12.88
N ALA A 124 1.74 3.61 -11.99
CA ALA A 124 1.24 4.97 -12.09
C ALA A 124 1.68 5.61 -13.42
N ASP A 125 2.93 5.40 -13.81
CA ASP A 125 3.39 5.91 -15.10
C ASP A 125 2.69 5.23 -16.26
N SER A 126 2.35 3.95 -16.12
CA SER A 126 1.74 3.21 -17.21
C SER A 126 0.34 3.73 -17.53
N ILE A 127 -0.53 3.82 -16.51
CA ILE A 127 -1.89 4.29 -16.72
C ILE A 127 -1.89 5.74 -17.15
N GLU A 128 -1.03 6.56 -16.56
CA GLU A 128 -0.93 7.96 -16.97
C GLU A 128 -0.53 8.07 -18.43
N THR A 129 0.32 7.17 -18.91
CA THR A 129 0.79 7.22 -20.29
C THR A 129 -0.34 6.92 -21.26
N VAL A 130 -1.11 5.85 -21.00
CA VAL A 130 -2.16 5.45 -21.92
C VAL A 130 -3.31 6.45 -21.91
N MET A 131 -3.72 6.90 -20.71
CA MET A 131 -4.83 7.84 -20.61
C MET A 131 -4.53 9.15 -21.31
N SER A 132 -3.27 9.59 -21.27
CA SER A 132 -2.92 10.87 -21.87
C SER A 132 -2.81 10.78 -23.39
N ALA A 133 -2.22 9.70 -23.91
CA ALA A 133 -2.00 9.60 -25.34
C ALA A 133 -3.30 9.30 -26.08
N GLN A 134 -4.18 8.50 -25.48
CA GLN A 134 -5.43 8.11 -26.13
C GLN A 134 -6.58 9.06 -25.84
N TRP A 135 -6.38 10.04 -24.96
CA TRP A 135 -7.37 11.09 -24.68
C TRP A 135 -8.67 10.51 -24.12
N TYR A 136 -8.56 9.53 -23.23
CA TYR A 136 -9.73 8.96 -22.59
C TYR A 136 -10.33 9.94 -21.60
N ASP A 137 -11.66 9.88 -21.45
CA ASP A 137 -12.37 10.80 -20.58
C ASP A 137 -12.38 10.34 -19.12
N GLY A 138 -12.50 9.02 -18.89
CA GLY A 138 -12.52 8.50 -17.54
C GLY A 138 -11.72 7.21 -17.45
N ASN A 139 -11.58 6.73 -16.22
CA ASN A 139 -10.80 5.53 -15.96
C ASN A 139 -11.53 4.64 -14.96
N ILE A 140 -11.40 3.33 -15.16
CA ILE A 140 -11.83 2.33 -14.18
C ILE A 140 -10.67 1.34 -14.05
N SER A 141 -10.03 1.35 -12.89
CA SER A 141 -8.86 0.51 -12.63
C SER A 141 -9.26 -0.71 -11.82
N ILE A 142 -8.66 -1.85 -12.15
CA ILE A 142 -8.94 -3.12 -11.47
C ILE A 142 -7.63 -3.74 -11.00
N PRO A 143 -7.08 -3.31 -9.87
CA PRO A 143 -5.90 -3.96 -9.30
C PRO A 143 -6.30 -5.20 -8.52
N GLY A 144 -5.28 -5.96 -8.09
N GLY A 144 -5.31 -6.04 -8.24
CA GLY A 144 -5.50 -7.15 -7.31
CA GLY A 144 -5.52 -7.29 -7.55
C GLY A 144 -4.48 -7.44 -6.22
C GLY A 144 -5.32 -7.16 -6.05
N CYS A 145 -3.26 -6.91 -6.32
N CYS A 145 -5.42 -8.31 -5.38
CA CYS A 145 -2.21 -7.31 -5.39
CA CYS A 145 -5.10 -8.38 -3.95
C CYS A 145 -1.72 -6.18 -4.50
C CYS A 145 -3.61 -8.52 -3.71
N ASP A 146 -0.44 -6.23 -4.12
N ASP A 146 -2.78 -7.97 -4.59
CA ASP A 146 0.11 -5.35 -3.10
CA ASP A 146 -1.39 -7.68 -4.30
C ASP A 146 0.26 -3.91 -3.57
C ASP A 146 -1.27 -6.19 -3.99
N LYS A 147 1.35 -3.62 -4.29
N LYS A 147 -0.09 -5.62 -4.20
CA LYS A 147 1.66 -2.25 -4.70
CA LYS A 147 0.22 -4.28 -3.70
C LYS A 147 0.82 -1.78 -5.87
C LYS A 147 0.40 -3.26 -4.82
N ASN A 148 0.03 -2.66 -6.49
N ASN A 148 -0.41 -3.33 -5.87
CA ASN A 148 -0.74 -2.25 -7.66
CA ASN A 148 -0.34 -2.34 -6.94
C ASN A 148 -1.84 -1.27 -7.31
C ASN A 148 -1.22 -1.12 -6.62
N MET A 149 -2.42 -1.37 -6.11
CA MET A 149 -3.51 -0.45 -5.75
C MET A 149 -3.12 1.02 -5.64
N PRO A 150 -2.17 1.45 -4.80
CA PRO A 150 -1.84 2.88 -4.77
C PRO A 150 -1.35 3.41 -6.11
N GLY A 151 -0.74 2.56 -6.93
CA GLY A 151 -0.28 3.02 -8.23
C GLY A 151 -1.39 3.50 -9.13
N THR A 152 -2.55 2.83 -9.09
CA THR A 152 -3.68 3.27 -9.90
C THR A 152 -4.26 4.58 -9.38
N ILE A 153 -4.28 4.75 -8.05
CA ILE A 153 -4.79 6.00 -7.49
C ILE A 153 -3.85 7.15 -7.79
N MET A 154 -2.54 6.90 -7.76
CA MET A 154 -1.56 7.94 -8.09
C MET A 154 -1.74 8.41 -9.53
N ALA A 155 -2.09 7.50 -10.44
CA ALA A 155 -2.30 7.88 -11.84
C ALA A 155 -3.54 8.74 -11.99
N MET A 156 -4.62 8.39 -11.27
CA MET A 156 -5.84 9.20 -11.33
C MET A 156 -5.60 10.60 -10.76
N GLY A 157 -4.76 10.71 -9.73
CA GLY A 157 -4.47 12.01 -9.16
C GLY A 157 -3.69 12.90 -10.11
N ARG A 158 -2.76 12.32 -10.86
CA ARG A 158 -2.01 13.09 -11.85
C ARG A 158 -2.91 13.58 -12.97
N LEU A 159 -3.81 12.72 -13.45
CA LEU A 159 -4.67 13.08 -14.57
C LEU A 159 -5.84 13.96 -14.16
N ASN A 160 -6.37 13.77 -12.95
CA ASN A 160 -7.53 14.50 -12.45
C ASN A 160 -8.73 14.37 -13.39
N ARG A 161 -8.90 13.17 -13.94
CA ARG A 161 -10.09 12.81 -14.69
C ARG A 161 -10.92 11.81 -13.88
N PRO A 162 -12.25 11.85 -13.99
CA PRO A 162 -13.08 10.99 -13.14
C PRO A 162 -12.70 9.52 -13.26
N GLY A 163 -12.55 8.87 -12.11
CA GLY A 163 -12.08 7.50 -12.08
C GLY A 163 -12.59 6.75 -10.88
N ILE A 164 -12.68 5.43 -11.01
CA ILE A 164 -13.13 4.54 -9.95
C ILE A 164 -12.17 3.36 -9.88
N MET A 165 -11.76 3.00 -8.66
CA MET A 165 -10.94 1.83 -8.43
C MET A 165 -11.83 0.65 -8.02
N VAL A 166 -11.73 -0.44 -8.76
CA VAL A 166 -12.46 -1.67 -8.44
C VAL A 166 -11.45 -2.67 -7.89
N TYR A 167 -11.50 -2.90 -6.59
CA TYR A 167 -10.62 -3.87 -5.96
C TYR A 167 -10.95 -5.27 -6.48
N GLY A 168 -9.92 -6.02 -6.86
CA GLY A 168 -10.12 -7.37 -7.38
C GLY A 168 -10.70 -8.32 -6.36
N GLY A 169 -10.57 -8.02 -5.08
CA GLY A 169 -11.10 -8.88 -4.04
C GLY A 169 -10.02 -9.75 -3.43
N THR A 170 -10.18 -10.04 -2.14
CA THR A 170 -9.23 -10.88 -1.42
C THR A 170 -9.62 -12.35 -1.55
N ILE A 171 -8.62 -13.20 -1.76
CA ILE A 171 -8.86 -14.63 -1.91
C ILE A 171 -9.37 -15.19 -0.58
N LYS A 172 -10.42 -16.01 -0.66
CA LYS A 172 -10.95 -16.67 0.53
C LYS A 172 -9.92 -17.66 1.09
N PRO A 173 -9.95 -17.93 2.39
CA PRO A 173 -8.90 -18.76 2.98
C PRO A 173 -8.96 -20.20 2.51
N GLY A 174 -7.79 -20.84 2.49
CA GLY A 174 -7.69 -22.22 2.06
C GLY A 174 -8.08 -23.22 3.13
N PHE A 183 -0.50 -17.55 2.69
CA PHE A 183 0.88 -17.66 2.24
C PHE A 183 1.83 -17.68 3.44
N VAL A 184 1.43 -16.99 4.52
CA VAL A 184 2.27 -16.92 5.71
C VAL A 184 2.45 -18.31 6.32
N SER A 185 1.40 -19.13 6.27
CA SER A 185 1.52 -20.50 6.76
C SER A 185 2.49 -21.31 5.90
N ALA A 186 2.50 -21.05 4.59
CA ALA A 186 3.45 -21.72 3.71
C ALA A 186 4.87 -21.20 3.90
N PHE A 187 5.01 -19.92 4.22
CA PHE A 187 6.33 -19.36 4.50
C PHE A 187 6.85 -19.84 5.86
N GLN A 188 5.95 -20.04 6.82
CA GLN A 188 6.35 -20.55 8.13
C GLN A 188 6.77 -22.01 8.07
N SER A 189 6.43 -22.71 6.99
CA SER A 189 6.60 -24.17 6.95
C SER A 189 8.07 -24.56 7.03
N TYR A 190 8.96 -23.80 6.39
CA TYR A 190 10.38 -24.15 6.43
C TYR A 190 10.97 -23.96 7.83
N GLY A 191 10.54 -22.92 8.54
CA GLY A 191 11.05 -22.69 9.87
C GLY A 191 10.64 -23.79 10.84
N GLU A 192 9.37 -24.20 10.79
CA GLU A 192 8.90 -25.28 11.65
C GLU A 192 9.53 -26.61 11.25
N PHE A 193 9.83 -26.79 9.97
CA PHE A 193 10.46 -28.04 9.52
C PHE A 193 11.89 -28.14 10.03
N VAL A 194 12.65 -27.05 9.93
CA VAL A 194 14.04 -27.07 10.38
C VAL A 194 14.10 -27.13 11.91
N SER A 195 13.19 -26.44 12.58
CA SER A 195 13.16 -26.46 14.05
C SER A 195 12.82 -27.84 14.59
N GLY A 196 12.01 -28.61 13.86
CA GLY A 196 11.59 -29.93 14.29
C GLY A 196 10.13 -30.02 14.66
N SER A 197 9.35 -28.96 14.50
CA SER A 197 7.93 -29.01 14.83
C SER A 197 7.16 -29.91 13.87
N ILE A 198 7.40 -29.75 12.57
CA ILE A 198 6.71 -30.53 11.55
C ILE A 198 7.75 -31.30 10.74
N SER A 199 7.26 -32.29 10.02
CA SER A 199 8.11 -33.11 9.15
C SER A 199 8.08 -32.52 7.73
N ASP A 200 8.66 -33.25 6.78
CA ASP A 200 8.58 -32.83 5.39
C ASP A 200 7.16 -32.96 4.86
N GLU A 201 6.52 -34.10 5.13
CA GLU A 201 5.18 -34.35 4.63
C GLU A 201 4.18 -33.31 5.11
N GLN A 202 4.24 -32.96 6.40
CA GLN A 202 3.38 -31.90 6.92
C GLN A 202 3.68 -30.57 6.22
N ARG A 203 4.94 -30.36 5.85
CA ARG A 203 5.31 -29.14 5.13
C ARG A 203 4.73 -29.13 3.72
N LYS A 204 4.78 -30.27 3.02
CA LYS A 204 4.19 -30.36 1.68
C LYS A 204 2.70 -30.06 1.71
N THR A 205 2.01 -30.49 2.77
CA THR A 205 0.56 -30.34 2.84
C THR A 205 0.17 -28.86 2.92
N VAL A 206 0.93 -28.07 3.69
CA VAL A 206 0.62 -26.65 3.81
C VAL A 206 0.82 -25.94 2.47
N LEU A 207 1.86 -26.33 1.73
CA LEU A 207 2.11 -25.75 0.41
C LEU A 207 1.08 -26.22 -0.60
N GLY A 218 -5.44 -12.25 2.54
CA GLY A 218 -6.27 -12.90 3.54
C GLY A 218 -6.67 -11.97 4.67
N GLY A 219 -5.70 -11.65 5.53
CA GLY A 219 -5.91 -10.75 6.64
C GLY A 219 -5.55 -9.32 6.30
N MET A 220 -5.29 -8.54 7.34
CA MET A 220 -4.98 -7.11 7.19
C MET A 220 -3.49 -6.92 6.89
N TYR A 221 -3.11 -7.31 5.69
CA TYR A 221 -1.80 -7.00 5.15
C TYR A 221 -1.92 -5.81 4.18
N THR A 222 -0.92 -5.62 3.32
CA THR A 222 -0.90 -4.44 2.46
C THR A 222 -2.10 -4.39 1.53
N ALA A 223 -2.53 -5.55 1.01
CA ALA A 223 -3.64 -5.57 0.06
C ALA A 223 -4.95 -5.16 0.73
N ASN A 224 -5.27 -5.78 1.87
CA ASN A 224 -6.52 -5.46 2.54
C ASN A 224 -6.47 -4.10 3.22
N THR A 225 -5.27 -3.67 3.66
CA THR A 225 -5.14 -2.34 4.25
C THR A 225 -5.41 -1.25 3.23
N MET A 226 -4.78 -1.35 2.06
CA MET A 226 -4.92 -0.28 1.06
C MET A 226 -6.31 -0.28 0.45
N ALA A 227 -6.88 -1.46 0.18
CA ALA A 227 -8.22 -1.52 -0.37
C ALA A 227 -9.23 -0.88 0.57
N SER A 228 -9.13 -1.20 1.87
CA SER A 228 -10.03 -0.62 2.85
C SER A 228 -9.78 0.88 3.02
N ALA A 229 -8.51 1.29 2.96
CA ALA A 229 -8.19 2.70 3.09
C ALA A 229 -8.66 3.49 1.86
N ILE A 230 -8.54 2.91 0.67
CA ILE A 230 -8.96 3.60 -0.54
C ILE A 230 -10.48 3.71 -0.58
N GLU A 231 -11.19 2.68 -0.10
CA GLU A 231 -12.65 2.78 -0.01
C GLU A 231 -13.05 3.86 1.00
N ALA A 232 -12.40 3.87 2.17
CA ALA A 232 -12.65 4.93 3.14
C ALA A 232 -12.26 6.29 2.57
N MET A 233 -11.29 6.31 1.65
CA MET A 233 -10.92 7.54 0.97
C MET A 233 -12.00 8.01 0.02
N GLY A 234 -12.91 7.12 -0.38
CA GLY A 234 -14.00 7.48 -1.27
C GLY A 234 -13.75 7.22 -2.73
N MET A 235 -12.66 6.55 -3.08
CA MET A 235 -12.32 6.29 -4.48
C MET A 235 -12.69 4.89 -4.94
N SER A 236 -13.35 4.11 -4.08
CA SER A 236 -13.92 2.82 -4.47
C SER A 236 -15.37 2.78 -4.02
N LEU A 237 -16.18 2.05 -4.80
CA LEU A 237 -17.57 1.90 -4.44
C LEU A 237 -17.69 1.14 -3.12
N PRO A 238 -18.77 1.35 -2.37
CA PRO A 238 -18.93 0.63 -1.10
C PRO A 238 -18.91 -0.87 -1.29
N TYR A 239 -18.34 -1.58 -0.31
CA TYR A 239 -18.18 -3.02 -0.24
C TYR A 239 -17.08 -3.54 -1.16
N SER A 240 -16.38 -2.66 -1.90
CA SER A 240 -15.38 -3.13 -2.85
C SER A 240 -14.22 -3.83 -2.14
N SER A 241 -13.79 -3.29 -1.00
CA SER A 241 -12.64 -3.84 -0.30
C SER A 241 -12.97 -5.11 0.50
N SER A 242 -14.25 -5.36 0.78
CA SER A 242 -14.63 -6.49 1.62
C SER A 242 -15.19 -7.67 0.83
N ILE A 243 -15.70 -7.44 -0.37
CA ILE A 243 -16.24 -8.53 -1.18
C ILE A 243 -15.10 -9.45 -1.62
N PRO A 244 -15.21 -10.76 -1.44
CA PRO A 244 -14.11 -11.66 -1.84
C PRO A 244 -13.86 -11.61 -3.33
N ALA A 245 -12.76 -12.27 -3.72
CA ALA A 245 -12.26 -12.14 -5.09
C ALA A 245 -13.29 -12.63 -6.12
N GLU A 246 -13.61 -13.93 -6.09
CA GLU A 246 -14.50 -14.52 -7.07
C GLU A 246 -15.93 -14.67 -6.54
N ASP A 247 -16.35 -13.77 -5.65
CA ASP A 247 -17.75 -13.73 -5.25
C ASP A 247 -18.60 -13.20 -6.41
N PRO A 248 -19.80 -13.75 -6.61
CA PRO A 248 -20.65 -13.24 -7.71
C PRO A 248 -20.97 -11.76 -7.59
N LEU A 249 -20.94 -11.20 -6.37
CA LEU A 249 -21.19 -9.77 -6.21
C LEU A 249 -20.04 -8.92 -6.73
N LYS A 250 -18.82 -9.48 -6.80
CA LYS A 250 -17.71 -8.73 -7.36
C LYS A 250 -17.92 -8.45 -8.84
N LEU A 251 -18.42 -9.43 -9.58
CA LEU A 251 -18.77 -9.19 -10.99
C LEU A 251 -19.90 -8.17 -11.09
N ASP A 252 -20.84 -8.20 -10.15
CA ASP A 252 -21.92 -7.22 -10.15
C ASP A 252 -21.39 -5.81 -9.93
N GLU A 253 -20.41 -5.66 -9.03
CA GLU A 253 -19.76 -4.37 -8.85
C GLU A 253 -19.05 -3.92 -10.13
N CYS A 254 -18.43 -4.87 -10.83
CA CYS A 254 -17.72 -4.53 -12.06
C CYS A 254 -18.68 -4.01 -13.12
N ARG A 255 -19.86 -4.62 -13.25
CA ARG A 255 -20.84 -4.20 -14.23
C ARG A 255 -21.56 -2.92 -13.85
N LEU A 256 -21.39 -2.44 -12.62
CA LEU A 256 -22.02 -1.21 -12.17
C LEU A 256 -21.06 -0.03 -12.17
N ALA A 257 -19.75 -0.27 -12.31
CA ALA A 257 -18.78 0.83 -12.29
C ALA A 257 -19.03 1.83 -13.41
N GLY A 258 -19.50 1.36 -14.57
CA GLY A 258 -19.78 2.26 -15.66
C GLY A 258 -20.93 3.21 -15.36
N LYS A 259 -21.95 2.72 -14.64
CA LYS A 259 -23.07 3.57 -14.27
C LYS A 259 -22.63 4.69 -13.34
N TYR A 260 -21.84 4.35 -12.31
CA TYR A 260 -21.37 5.38 -11.39
C TYR A 260 -20.42 6.35 -12.06
N LEU A 261 -19.59 5.85 -12.98
CA LEU A 261 -18.64 6.74 -13.66
C LEU A 261 -19.36 7.69 -14.62
N LEU A 262 -20.44 7.24 -15.25
CA LEU A 262 -21.25 8.14 -16.07
C LEU A 262 -21.79 9.29 -15.23
N GLU A 263 -22.19 8.99 -13.98
CA GLU A 263 -22.64 10.04 -13.08
C GLU A 263 -21.50 10.98 -12.72
N LEU A 264 -20.30 10.44 -12.49
CA LEU A 264 -19.15 11.29 -12.17
C LEU A 264 -18.77 12.18 -13.33
N LEU A 265 -18.99 11.72 -14.57
CA LEU A 265 -18.74 12.58 -15.71
C LEU A 265 -19.77 13.70 -15.82
N LYS A 266 -21.02 13.43 -15.42
CA LYS A 266 -22.05 14.46 -15.46
C LYS A 266 -21.80 15.53 -14.41
N MET A 267 -21.40 15.13 -13.20
CA MET A 267 -21.03 16.08 -12.16
C MET A 267 -19.63 16.64 -12.33
N ASP A 268 -18.81 16.03 -13.18
CA ASP A 268 -17.39 16.37 -13.29
C ASP A 268 -16.70 16.27 -11.93
N LEU A 269 -17.11 15.28 -11.15
CA LEU A 269 -16.50 15.01 -9.86
C LEU A 269 -15.18 14.28 -10.09
N LYS A 270 -14.07 14.95 -9.85
CA LYS A 270 -12.75 14.50 -10.20
C LYS A 270 -11.98 13.98 -8.99
N PRO A 271 -10.90 13.23 -9.20
CA PRO A 271 -10.14 12.70 -8.04
C PRO A 271 -9.67 13.77 -7.08
N ARG A 272 -9.28 14.95 -7.58
CA ARG A 272 -8.86 16.03 -6.70
C ARG A 272 -10.03 16.71 -6.00
N ASP A 273 -11.27 16.34 -6.34
CA ASP A 273 -12.42 16.72 -5.54
C ASP A 273 -12.74 15.70 -4.47
N ILE A 274 -12.26 14.46 -4.61
CA ILE A 274 -12.57 13.38 -3.70
C ILE A 274 -11.40 13.15 -2.74
N ILE A 275 -10.18 13.32 -3.23
CA ILE A 275 -8.98 13.14 -2.43
C ILE A 275 -8.62 14.50 -1.85
N THR A 276 -9.05 14.75 -0.60
CA THR A 276 -8.83 16.01 0.10
C THR A 276 -8.11 15.73 1.41
N PRO A 277 -7.62 16.75 2.14
CA PRO A 277 -7.04 16.48 3.47
C PRO A 277 -7.98 15.75 4.41
N LYS A 278 -9.30 15.92 4.26
CA LYS A 278 -10.24 15.24 5.14
C LYS A 278 -10.43 13.78 4.74
N SER A 279 -10.55 13.51 3.44
CA SER A 279 -10.64 12.13 2.98
C SER A 279 -9.33 11.39 3.21
N LEU A 280 -8.20 12.09 3.10
CA LEU A 280 -6.91 11.48 3.43
C LEU A 280 -6.88 11.06 4.89
N ARG A 281 -7.48 11.86 5.77
CA ARG A 281 -7.55 11.47 7.18
C ARG A 281 -8.50 10.29 7.38
N ASN A 282 -9.58 10.23 6.59
CA ASN A 282 -10.50 9.10 6.69
C ASN A 282 -9.80 7.79 6.37
N ALA A 283 -8.92 7.79 5.38
CA ALA A 283 -8.16 6.59 5.06
C ALA A 283 -7.18 6.25 6.18
N MET A 284 -6.54 7.27 6.75
CA MET A 284 -5.63 7.04 7.87
C MET A 284 -6.37 6.49 9.08
N VAL A 285 -7.61 6.95 9.30
CA VAL A 285 -8.40 6.45 10.41
C VAL A 285 -8.71 4.97 10.24
N SER A 286 -9.04 4.56 9.00
CA SER A 286 -9.32 3.16 8.75
C SER A 286 -8.10 2.28 8.94
N VAL A 287 -6.91 2.82 8.67
CA VAL A 287 -5.68 2.06 8.86
C VAL A 287 -5.41 1.84 10.34
N MET A 288 -5.59 2.89 11.15
CA MET A 288 -5.36 2.75 12.59
C MET A 288 -6.41 1.88 13.24
N ALA A 289 -7.67 2.02 12.82
CA ALA A 289 -8.75 1.25 13.44
C ALA A 289 -8.66 -0.23 13.08
N LEU A 290 -8.15 -0.56 11.89
CA LEU A 290 -8.05 -1.94 11.44
C LEU A 290 -6.67 -2.55 11.66
N GLY A 291 -5.75 -1.81 12.25
CA GLY A 291 -4.39 -2.31 12.41
C GLY A 291 -3.68 -2.53 11.09
N GLY A 292 -3.82 -1.59 10.17
CA GLY A 292 -3.27 -1.75 8.83
C GLY A 292 -1.75 -1.83 8.83
N SER A 293 -1.24 -2.20 7.66
CA SER A 293 0.20 -2.39 7.49
C SER A 293 0.93 -1.05 7.52
N THR A 294 2.22 -1.11 7.88
CA THR A 294 3.05 0.07 7.87
C THR A 294 3.34 0.57 6.46
N ASN A 295 3.11 -0.27 5.45
CA ASN A 295 3.28 0.17 4.07
C ASN A 295 2.27 1.24 3.67
N ALA A 296 1.15 1.34 4.39
CA ALA A 296 0.16 2.37 4.11
C ALA A 296 0.73 3.76 4.32
N VAL A 297 1.79 3.90 5.13
CA VAL A 297 2.44 5.19 5.29
C VAL A 297 3.06 5.65 3.98
N LEU A 298 3.80 4.74 3.33
CA LEU A 298 4.42 5.07 2.04
C LEU A 298 3.37 5.36 0.98
N HIS A 299 2.32 4.54 0.93
CA HIS A 299 1.36 4.64 -0.17
C HIS A 299 0.45 5.86 -0.02
N LEU A 300 -0.01 6.14 1.19
CA LEU A 300 -0.89 7.29 1.38
C LEU A 300 -0.15 8.60 1.21
N ILE A 301 1.14 8.65 1.53
CA ILE A 301 1.93 9.84 1.26
C ILE A 301 2.11 10.03 -0.24
N ALA A 302 2.35 8.94 -0.97
CA ALA A 302 2.48 9.03 -2.42
C ALA A 302 1.16 9.43 -3.07
N ILE A 303 0.04 8.92 -2.56
CA ILE A 303 -1.27 9.28 -3.10
C ILE A 303 -1.55 10.76 -2.84
N ALA A 304 -1.21 11.25 -1.65
CA ALA A 304 -1.44 12.65 -1.32
C ALA A 304 -0.60 13.58 -2.20
N ARG A 305 0.64 13.18 -2.50
CA ARG A 305 1.49 14.01 -3.36
C ARG A 305 0.96 14.08 -4.78
N SER A 306 0.28 13.02 -5.24
CA SER A 306 -0.18 12.97 -6.63
C SER A 306 -1.29 13.99 -6.90
N VAL A 307 -1.94 14.50 -5.88
CA VAL A 307 -2.98 15.52 -6.04
C VAL A 307 -2.51 16.88 -5.53
N GLY A 308 -1.19 17.04 -5.34
CA GLY A 308 -0.67 18.32 -4.89
C GLY A 308 -0.87 18.61 -3.42
N LEU A 309 -1.10 17.59 -2.61
CA LEU A 309 -1.30 17.76 -1.17
C LEU A 309 -0.08 17.29 -0.41
N GLU A 310 -0.04 17.62 0.88
CA GLU A 310 1.07 17.27 1.76
C GLU A 310 0.60 16.29 2.83
N LEU A 311 1.46 15.32 3.14
CA LEU A 311 1.16 14.34 4.18
C LEU A 311 2.48 13.90 4.78
N THR A 312 2.70 14.21 6.05
CA THR A 312 3.95 13.96 6.74
C THR A 312 3.80 12.81 7.73
N LEU A 313 4.95 12.33 8.22
CA LEU A 313 4.94 11.28 9.24
C LEU A 313 4.23 11.74 10.51
N ASP A 314 4.36 13.03 10.85
CA ASP A 314 3.70 13.55 12.04
C ASP A 314 2.18 13.50 11.90
N ASP A 315 1.65 13.67 10.69
CA ASP A 315 0.23 13.52 10.47
C ASP A 315 -0.23 12.11 10.83
N PHE A 316 0.62 11.11 10.59
CA PHE A 316 0.26 9.74 10.93
C PHE A 316 0.27 9.52 12.43
N GLN A 317 1.21 10.14 13.13
CA GLN A 317 1.26 10.03 14.59
C GLN A 317 0.04 10.67 15.22
N LYS A 318 -0.43 11.78 14.66
CA LYS A 318 -1.60 12.47 15.21
C LYS A 318 -2.85 11.61 15.07
N VAL A 319 -3.06 11.04 13.88
CA VAL A 319 -4.21 10.16 13.67
C VAL A 319 -4.07 8.90 14.52
N SER A 320 -2.85 8.38 14.66
CA SER A 320 -2.63 7.19 15.47
C SER A 320 -3.00 7.43 16.92
N ASP A 321 -2.60 8.57 17.48
CA ASP A 321 -2.91 8.90 18.87
C ASP A 321 -4.36 9.31 19.06
N ALA A 322 -5.18 9.33 18.00
CA ALA A 322 -6.57 9.72 18.10
C ALA A 322 -7.56 8.61 17.79
N VAL A 323 -7.12 7.55 17.12
CA VAL A 323 -7.98 6.46 16.73
C VAL A 323 -7.52 5.19 17.45
N PRO A 324 -8.38 4.53 18.22
CA PRO A 324 -7.99 3.29 18.88
C PRO A 324 -8.09 2.10 17.95
N PHE A 325 -7.26 1.10 18.22
CA PHE A 325 -7.33 -0.16 17.50
C PHE A 325 -8.53 -0.95 18.02
N LEU A 326 -9.48 -1.24 17.13
CA LEU A 326 -10.71 -1.91 17.53
C LEU A 326 -10.98 -3.16 16.72
N ALA A 327 -9.98 -3.70 16.02
CA ALA A 327 -10.20 -4.67 14.96
C ALA A 327 -9.41 -5.94 15.21
N ASP A 328 -10.11 -7.01 15.57
CA ASP A 328 -9.47 -8.28 15.89
C ASP A 328 -9.22 -9.11 14.62
N LEU A 329 -8.35 -8.58 13.76
CA LEU A 329 -8.03 -9.20 12.48
C LEU A 329 -6.56 -9.59 12.41
N LYS A 330 -6.28 -10.61 11.59
CA LYS A 330 -4.92 -11.05 11.33
C LYS A 330 -4.14 -9.93 10.63
N PRO A 331 -2.81 -9.88 10.82
CA PRO A 331 -1.99 -10.83 11.59
C PRO A 331 -2.05 -10.59 13.10
N SER A 332 -2.58 -9.44 13.51
CA SER A 332 -2.65 -9.12 14.93
C SER A 332 -3.75 -9.92 15.64
N GLY A 333 -4.82 -10.26 14.93
CA GLY A 333 -5.95 -10.92 15.56
C GLY A 333 -6.27 -12.30 15.01
N LYS A 334 -7.54 -12.68 15.08
CA LYS A 334 -7.98 -14.03 14.74
C LYS A 334 -8.65 -14.14 13.37
N TYR A 335 -9.32 -13.10 12.91
CA TYR A 335 -10.21 -13.19 11.76
C TYR A 335 -9.56 -12.63 10.51
N VAL A 336 -10.24 -12.83 9.38
CA VAL A 336 -9.76 -12.38 8.07
C VAL A 336 -10.79 -11.46 7.43
N MET A 337 -10.57 -11.12 6.16
CA MET A 337 -11.44 -10.14 5.50
C MET A 337 -12.82 -10.71 5.20
N GLU A 338 -12.91 -12.01 4.91
CA GLU A 338 -14.22 -12.60 4.65
C GLU A 338 -15.10 -12.53 5.89
N ASP A 339 -14.51 -12.58 7.08
CA ASP A 339 -15.28 -12.43 8.31
C ASP A 339 -15.86 -11.01 8.42
N ILE A 340 -15.09 -10.01 8.01
CA ILE A 340 -15.63 -8.65 7.89
C ILE A 340 -16.80 -8.64 6.92
N HIS A 341 -16.66 -9.32 5.79
CA HIS A 341 -17.72 -9.38 4.79
C HIS A 341 -19.00 -9.96 5.36
N LYS A 342 -18.89 -10.93 6.28
CA LYS A 342 -20.08 -11.55 6.83
C LYS A 342 -20.78 -10.64 7.83
N ILE A 343 -20.03 -9.87 8.60
CA ILE A 343 -20.61 -9.05 9.67
C ILE A 343 -21.03 -7.69 9.12
N GLY A 344 -20.91 -7.50 7.81
CA GLY A 344 -21.39 -6.28 7.21
C GLY A 344 -20.42 -5.59 6.26
N GLY A 345 -19.22 -6.15 6.13
CA GLY A 345 -18.23 -5.60 5.23
C GLY A 345 -17.63 -4.29 5.73
N THR A 346 -16.81 -3.70 4.86
CA THR A 346 -16.16 -2.43 5.20
C THR A 346 -17.15 -1.30 5.47
N PRO A 347 -18.22 -1.10 4.69
CA PRO A 347 -19.16 -0.01 5.02
C PRO A 347 -19.75 -0.10 6.42
N ALA A 348 -19.96 -1.31 6.94
CA ALA A 348 -20.44 -1.44 8.32
C ALA A 348 -19.38 -0.98 9.31
N VAL A 349 -18.12 -1.28 9.04
CA VAL A 349 -17.04 -0.82 9.91
C VAL A 349 -16.92 0.70 9.85
N LEU A 350 -16.97 1.27 8.64
CA LEU A 350 -16.85 2.72 8.50
C LEU A 350 -18.07 3.44 9.09
N ARG A 351 -19.24 2.79 9.08
CA ARG A 351 -20.40 3.39 9.72
C ARG A 351 -20.20 3.48 11.23
N TYR A 352 -19.57 2.47 11.83
CA TYR A 352 -19.31 2.50 13.26
C TYR A 352 -18.32 3.60 13.61
N LEU A 353 -17.25 3.73 12.82
CA LEU A 353 -16.26 4.77 13.08
C LEU A 353 -16.85 6.16 12.88
N LEU A 354 -17.74 6.31 11.89
CA LEU A 354 -18.40 7.59 11.68
C LEU A 354 -19.31 7.94 12.83
N GLU A 355 -20.02 6.95 13.38
CA GLU A 355 -20.91 7.21 14.51
C GLU A 355 -20.14 7.61 15.76
N LEU A 356 -18.93 7.06 15.93
CA LEU A 356 -18.06 7.48 17.03
C LEU A 356 -17.39 8.82 16.77
N GLY A 357 -17.71 9.49 15.67
CA GLY A 357 -17.13 10.78 15.38
C GLY A 357 -15.68 10.76 14.96
N LEU A 358 -15.19 9.64 14.45
CA LEU A 358 -13.80 9.52 14.05
C LEU A 358 -13.55 9.87 12.59
N MET A 359 -14.60 10.00 11.78
CA MET A 359 -14.45 10.22 10.35
C MET A 359 -15.31 11.40 9.91
N ASP A 360 -14.84 12.10 8.89
CA ASP A 360 -15.56 13.23 8.30
C ASP A 360 -16.51 12.68 7.24
N GLY A 361 -17.82 12.79 7.49
CA GLY A 361 -18.81 12.24 6.60
C GLY A 361 -19.21 13.10 5.42
N ASP A 362 -18.75 14.35 5.38
CA ASP A 362 -19.11 15.26 4.29
C ASP A 362 -18.26 15.06 3.04
N CYS A 363 -17.28 14.17 3.08
CA CYS A 363 -16.37 13.99 1.94
C CYS A 363 -17.09 13.32 0.78
N MET A 364 -16.97 13.91 -0.40
CA MET A 364 -17.57 13.33 -1.60
C MET A 364 -16.88 12.03 -1.98
N THR A 365 -17.65 11.11 -2.56
CA THR A 365 -17.15 9.80 -2.96
C THR A 365 -17.50 9.56 -4.42
N VAL A 366 -17.11 8.39 -4.92
CA VAL A 366 -17.29 8.07 -6.33
C VAL A 366 -18.71 7.64 -6.62
N THR A 367 -19.56 7.61 -5.59
CA THR A 367 -20.98 7.34 -5.75
C THR A 367 -21.79 8.59 -6.08
N GLY A 368 -21.14 9.73 -6.25
CA GLY A 368 -21.84 10.99 -6.41
C GLY A 368 -22.40 11.56 -5.13
N GLN A 369 -22.26 10.87 -4.01
CA GLN A 369 -22.75 11.30 -2.71
C GLN A 369 -21.60 11.39 -1.72
N THR A 370 -21.91 11.90 -0.54
CA THR A 370 -20.90 11.98 0.50
C THR A 370 -20.76 10.64 1.21
N LEU A 371 -19.77 10.57 2.10
CA LEU A 371 -19.53 9.34 2.85
C LEU A 371 -20.69 9.05 3.80
N ALA A 372 -21.23 10.08 4.45
CA ALA A 372 -22.34 9.88 5.38
C ALA A 372 -23.60 9.42 4.66
N GLN A 373 -23.86 9.98 3.48
CA GLN A 373 -25.03 9.55 2.71
C GLN A 373 -24.88 8.12 2.23
N ASN A 374 -23.66 7.68 1.94
CA ASN A 374 -23.43 6.29 1.56
C ASN A 374 -23.64 5.36 2.75
N LEU A 375 -23.17 5.77 3.94
CA LEU A 375 -23.21 4.92 5.11
C LEU A 375 -24.53 4.96 5.86
N GLU A 376 -25.39 5.94 5.58
CA GLU A 376 -26.62 6.08 6.34
C GLU A 376 -27.55 4.88 6.13
N ASN A 377 -27.48 4.23 4.98
CA ASN A 377 -28.40 3.16 4.61
C ASN A 377 -27.65 1.85 4.36
N VAL A 378 -26.61 1.58 5.14
CA VAL A 378 -25.93 0.28 5.08
C VAL A 378 -26.24 -0.47 6.37
N PRO A 379 -26.46 -1.78 6.29
CA PRO A 379 -26.66 -2.56 7.51
C PRO A 379 -25.48 -2.40 8.46
N SER A 380 -25.78 -2.17 9.74
CA SER A 380 -24.74 -2.01 10.75
C SER A 380 -24.02 -3.33 10.97
N LEU A 381 -23.01 -3.30 11.84
CA LEU A 381 -22.34 -4.52 12.25
C LEU A 381 -23.34 -5.47 12.88
N THR A 382 -23.29 -6.74 12.47
CA THR A 382 -24.24 -7.72 12.97
C THR A 382 -24.15 -7.85 14.48
N GLU A 383 -25.31 -8.02 15.12
CA GLU A 383 -25.38 -8.11 16.57
C GLU A 383 -24.59 -9.33 17.06
N GLY A 384 -23.76 -9.12 18.08
CA GLY A 384 -22.94 -10.19 18.62
C GLY A 384 -21.62 -10.41 17.93
N GLN A 385 -21.22 -9.50 17.03
CA GLN A 385 -19.93 -9.65 16.36
C GLN A 385 -18.79 -9.45 17.33
N GLU A 386 -17.77 -10.29 17.20
CA GLU A 386 -16.57 -10.21 18.04
C GLU A 386 -15.34 -9.81 17.25
N ILE A 387 -15.53 -9.19 16.09
CA ILE A 387 -14.40 -8.73 15.28
C ILE A 387 -14.06 -7.28 15.60
N ILE A 388 -15.05 -6.40 15.51
CA ILE A 388 -14.86 -4.98 15.78
C ILE A 388 -15.16 -4.73 17.25
N ARG A 389 -14.12 -4.41 18.01
CA ARG A 389 -14.26 -4.13 19.43
C ARG A 389 -15.03 -2.82 19.63
N PRO A 390 -15.65 -2.65 20.80
CA PRO A 390 -16.28 -1.35 21.10
C PRO A 390 -15.25 -0.33 21.54
N LEU A 391 -15.67 0.94 21.55
CA LEU A 391 -14.83 2.01 22.06
C LEU A 391 -14.54 1.82 23.55
N SER A 392 -15.41 1.10 24.27
CA SER A 392 -15.17 0.85 25.68
C SER A 392 -13.99 -0.10 25.88
N ASN A 393 -13.90 -1.16 25.08
CA ASN A 393 -12.85 -2.17 25.22
C ASN A 393 -12.12 -2.33 23.88
N PRO A 394 -11.19 -1.43 23.58
CA PRO A 394 -10.39 -1.60 22.37
C PRO A 394 -9.22 -2.54 22.62
N ILE A 395 -8.65 -3.04 21.52
CA ILE A 395 -7.42 -3.82 21.62
C ILE A 395 -6.27 -2.92 22.05
N LYS A 396 -6.25 -1.69 21.58
CA LYS A 396 -5.24 -0.71 21.97
C LYS A 396 -5.89 0.66 21.97
N GLU A 397 -5.59 1.45 23.01
CA GLU A 397 -6.23 2.76 23.14
C GLU A 397 -5.79 3.72 22.04
N THR A 398 -4.56 3.60 21.56
CA THR A 398 -4.05 4.40 20.46
C THR A 398 -3.78 3.50 19.25
N GLY A 399 -3.24 4.11 18.19
CA GLY A 399 -2.99 3.37 16.98
C GLY A 399 -1.72 2.53 17.06
N HIS A 400 -1.69 1.49 16.21
CA HIS A 400 -0.53 0.62 16.14
C HIS A 400 0.69 1.33 15.56
N ILE A 401 0.48 2.28 14.66
CA ILE A 401 1.60 2.92 13.97
C ILE A 401 2.26 3.94 14.89
N GLN A 402 3.56 3.81 15.05
CA GLN A 402 4.36 4.73 15.87
C GLN A 402 5.48 5.30 15.01
N ILE A 403 5.62 6.63 15.03
CA ILE A 403 6.70 7.32 14.33
C ILE A 403 7.82 7.59 15.32
N LEU A 404 8.99 7.02 15.05
CA LEU A 404 10.14 7.15 15.93
C LEU A 404 11.23 7.96 15.24
N ARG A 405 11.87 8.85 16.01
CA ARG A 405 12.98 9.63 15.50
C ARG A 405 14.23 9.35 16.32
N GLY A 406 14.91 10.39 16.78
CA GLY A 406 16.08 10.23 17.62
C GLY A 406 17.38 10.41 16.86
N ASP A 407 18.47 9.99 17.51
CA ASP A 407 19.80 10.18 16.94
C ASP A 407 20.00 9.34 15.69
N LEU A 408 19.44 8.13 15.66
CA LEU A 408 19.70 7.20 14.58
C LEU A 408 18.69 7.28 13.44
N ALA A 409 17.53 7.87 13.68
CA ALA A 409 16.52 8.11 12.65
C ALA A 409 16.08 9.56 12.71
N PRO A 410 16.97 10.50 12.39
CA PRO A 410 16.63 11.92 12.56
C PRO A 410 15.49 12.38 11.65
N ASP A 411 15.33 11.76 10.49
CA ASP A 411 14.28 12.15 9.55
C ASP A 411 13.04 11.28 9.65
N GLY A 412 13.02 10.30 10.53
CA GLY A 412 11.82 9.52 10.81
C GLY A 412 12.03 8.04 10.57
N SER A 413 11.08 7.27 11.11
CA SER A 413 11.02 5.82 10.96
C SER A 413 9.62 5.38 11.39
N VAL A 414 9.26 4.16 10.99
CA VAL A 414 7.91 3.63 11.22
C VAL A 414 8.02 2.29 11.94
N ALA A 415 7.11 2.06 12.88
CA ALA A 415 7.07 0.81 13.62
C ALA A 415 5.63 0.49 14.00
N LYS A 416 5.33 -0.80 14.04
CA LYS A 416 4.02 -1.30 14.46
C LYS A 416 4.09 -1.75 15.91
N ILE A 417 3.34 -1.09 16.78
CA ILE A 417 3.39 -1.31 18.21
C ILE A 417 2.03 -1.82 18.69
N THR A 418 2.02 -3.00 19.30
CA THR A 418 0.80 -3.56 19.85
C THR A 418 0.47 -3.02 21.24
N GLY A 419 1.44 -2.40 21.90
CA GLY A 419 1.27 -1.93 23.26
C GLY A 419 1.58 -2.94 24.34
N LYS A 420 1.96 -4.17 23.95
CA LYS A 420 2.20 -5.26 24.90
C LYS A 420 3.69 -5.58 25.05
N GLU A 421 4.58 -4.83 24.41
CA GLU A 421 6.01 -5.14 24.39
C GLU A 421 6.82 -4.24 25.31
N GLY A 422 6.19 -3.35 26.06
CA GLY A 422 6.91 -2.41 26.88
C GLY A 422 7.29 -1.17 26.09
N LEU A 423 7.91 -0.22 26.81
CA LEU A 423 8.25 1.06 26.23
C LEU A 423 9.72 1.19 25.83
N TYR A 424 10.60 0.36 26.37
CA TYR A 424 12.03 0.54 26.17
C TYR A 424 12.71 -0.77 25.78
N PHE A 425 13.81 -0.63 25.04
CA PHE A 425 14.74 -1.72 24.78
C PHE A 425 16.11 -1.12 24.58
N SER A 426 17.12 -1.76 25.14
CA SER A 426 18.51 -1.31 25.00
C SER A 426 19.41 -2.52 24.84
N GLY A 427 20.47 -2.35 24.06
CA GLY A 427 21.41 -3.42 23.83
C GLY A 427 22.51 -3.04 22.86
N PRO A 428 23.59 -3.83 22.83
CA PRO A 428 24.67 -3.56 21.89
C PRO A 428 24.26 -3.84 20.46
N ALA A 429 24.83 -3.07 19.53
CA ALA A 429 24.46 -3.16 18.13
C ALA A 429 25.11 -4.36 17.47
N LEU A 430 24.33 -5.07 16.65
CA LEU A 430 24.82 -6.14 15.79
C LEU A 430 24.46 -5.76 14.36
N VAL A 431 25.45 -5.28 13.61
CA VAL A 431 25.23 -4.62 12.33
C VAL A 431 25.49 -5.60 11.19
N PHE A 432 24.60 -5.60 10.21
CA PHE A 432 24.74 -6.40 9.01
C PHE A 432 24.47 -5.53 7.79
N GLU A 433 25.31 -5.69 6.76
CA GLU A 433 25.20 -4.90 5.54
C GLU A 433 24.23 -5.49 4.53
N GLY A 434 23.33 -6.36 4.97
CA GLY A 434 22.36 -6.97 4.09
C GLY A 434 21.58 -8.09 4.76
N GLU A 435 20.44 -8.46 4.20
CA GLU A 435 19.64 -9.53 4.79
C GLU A 435 20.37 -10.87 4.76
N GLU A 436 21.20 -11.09 3.73
CA GLU A 436 21.86 -12.38 3.58
C GLU A 436 22.87 -12.63 4.70
N SER A 437 23.70 -11.64 5.01
CA SER A 437 24.70 -11.81 6.05
C SER A 437 24.09 -11.90 7.44
N MET A 438 22.88 -11.35 7.63
CA MET A 438 22.21 -11.49 8.92
C MET A 438 21.67 -12.91 9.10
N LEU A 439 21.17 -13.51 8.01
CA LEU A 439 20.63 -14.87 8.12
C LEU A 439 21.73 -15.91 8.27
N ALA A 440 22.90 -15.66 7.71
CA ALA A 440 24.02 -16.59 7.89
C ALA A 440 24.56 -16.56 9.31
N ALA A 441 24.43 -15.42 9.99
CA ALA A 441 24.95 -15.30 11.35
C ALA A 441 23.99 -15.94 12.36
N ILE A 442 22.69 -15.66 12.25
CA ILE A 442 21.73 -16.22 13.18
C ILE A 442 21.64 -17.73 13.01
N SER A 443 21.90 -18.23 11.81
CA SER A 443 21.91 -19.67 11.59
C SER A 443 23.12 -20.32 12.23
N ALA A 444 24.28 -19.66 12.16
CA ALA A 444 25.52 -20.24 12.69
C ALA A 444 25.74 -19.94 14.15
N ASP A 445 25.22 -18.82 14.66
CA ASP A 445 25.41 -18.44 16.06
C ASP A 445 24.20 -17.65 16.52
N PRO A 446 23.09 -18.34 16.83
CA PRO A 446 21.90 -17.61 17.27
C PRO A 446 22.04 -16.96 18.64
N MET A 447 22.90 -17.50 19.51
CA MET A 447 23.02 -16.97 20.85
C MET A 447 23.75 -15.63 20.89
N SER A 448 24.58 -15.35 19.88
CA SER A 448 25.22 -14.04 19.81
C SER A 448 24.24 -12.92 19.51
N PHE A 449 22.99 -13.25 19.20
CA PHE A 449 21.95 -12.26 18.97
C PHE A 449 21.19 -11.89 20.24
N LYS A 450 21.33 -12.70 21.30
CA LYS A 450 20.58 -12.49 22.53
C LYS A 450 20.91 -11.14 23.15
N GLY A 451 19.90 -10.30 23.32
CA GLY A 451 20.08 -9.00 23.94
C GLY A 451 20.62 -7.91 23.05
N THR A 452 20.75 -8.17 21.75
CA THR A 452 21.34 -7.21 20.84
C THR A 452 20.25 -6.41 20.12
N VAL A 453 20.66 -5.27 19.57
CA VAL A 453 19.84 -4.48 18.66
C VAL A 453 20.36 -4.77 17.26
N VAL A 454 19.66 -5.64 16.53
CA VAL A 454 20.11 -6.07 15.22
C VAL A 454 19.83 -4.98 14.20
N VAL A 455 20.85 -4.62 13.42
CA VAL A 455 20.74 -3.57 12.42
C VAL A 455 21.04 -4.19 11.06
N ILE A 456 20.03 -4.23 10.20
CA ILE A 456 20.18 -4.67 8.81
C ILE A 456 20.08 -3.43 7.95
N ARG A 457 21.22 -2.90 7.51
CA ARG A 457 21.26 -1.67 6.76
C ARG A 457 21.67 -1.93 5.31
N GLY A 458 21.57 -0.88 4.49
CA GLY A 458 21.79 -1.02 3.07
C GLY A 458 20.61 -1.55 2.30
N GLU A 459 19.40 -1.46 2.87
CA GLU A 459 18.20 -2.00 2.25
C GLU A 459 17.17 -0.92 1.93
N GLY A 460 17.60 0.34 1.88
CA GLY A 460 16.71 1.44 1.63
C GLY A 460 16.31 1.55 0.17
N PRO A 461 15.67 2.66 -0.19
CA PRO A 461 15.26 2.83 -1.60
C PRO A 461 16.43 2.82 -2.57
N LYS A 462 17.56 3.42 -2.20
CA LYS A 462 18.72 3.49 -3.07
C LYS A 462 19.77 2.42 -2.78
N GLY A 463 19.94 2.03 -1.52
CA GLY A 463 20.95 1.05 -1.17
C GLY A 463 20.53 -0.39 -1.38
N GLY A 464 19.22 -0.66 -1.42
CA GLY A 464 18.70 -1.99 -1.63
C GLY A 464 19.21 -2.64 -2.90
N PRO A 465 18.77 -2.13 -4.06
CA PRO A 465 17.85 -1.00 -4.23
C PRO A 465 16.39 -1.43 -4.16
N GLY A 466 15.49 -0.47 -4.30
CA GLY A 466 14.06 -0.76 -4.33
C GLY A 466 13.39 -0.87 -2.97
N MET A 467 14.15 -0.77 -1.88
CA MET A 467 13.63 -0.90 -0.52
C MET A 467 12.85 -2.20 -0.36
N PRO A 468 13.52 -3.34 -0.33
CA PRO A 468 12.81 -4.62 -0.29
C PRO A 468 12.19 -4.89 1.08
N GLU A 469 11.09 -5.65 1.05
CA GLU A 469 10.46 -6.12 2.27
C GLU A 469 11.08 -7.44 2.67
N MET A 470 11.41 -7.59 3.95
CA MET A 470 12.09 -8.76 4.48
C MET A 470 11.23 -9.41 5.55
N LEU A 471 10.81 -10.65 5.29
CA LEU A 471 10.07 -11.46 6.26
C LEU A 471 10.93 -12.46 7.01
N THR A 472 12.01 -12.93 6.40
CA THR A 472 12.87 -13.96 6.98
C THR A 472 13.57 -13.50 8.26
N PRO A 473 14.06 -12.25 8.38
CA PRO A 473 14.70 -11.84 9.64
C PRO A 473 13.82 -12.03 10.87
N THR A 474 12.54 -11.65 10.81
CA THR A 474 11.66 -11.82 11.95
C THR A 474 11.39 -13.30 12.23
N SER A 475 11.15 -14.09 11.16
CA SER A 475 10.87 -15.50 11.34
C SER A 475 12.06 -16.24 11.91
N ALA A 476 13.28 -15.92 11.44
CA ALA A 476 14.47 -16.56 11.98
C ALA A 476 14.69 -16.18 13.44
N ILE A 477 14.35 -14.95 13.83
CA ILE A 477 14.50 -14.54 15.21
C ILE A 477 13.50 -15.29 16.10
N MET A 478 12.27 -15.46 15.63
CA MET A 478 11.27 -16.17 16.42
C MET A 478 11.58 -17.67 16.48
N GLY A 479 12.01 -18.25 15.36
CA GLY A 479 12.35 -19.66 15.35
C GLY A 479 13.53 -19.98 16.26
N ALA A 480 14.44 -19.03 16.44
CA ALA A 480 15.55 -19.18 17.36
C ALA A 480 15.17 -18.91 18.81
N GLY A 481 13.91 -18.53 19.07
CA GLY A 481 13.48 -18.25 20.42
C GLY A 481 13.94 -16.92 20.97
N LEU A 482 14.17 -15.93 20.11
CA LEU A 482 14.68 -14.63 20.51
C LEU A 482 13.68 -13.51 20.20
N GLY A 483 12.38 -13.84 20.25
CA GLY A 483 11.38 -12.86 19.85
C GLY A 483 11.39 -11.62 20.73
N LYS A 484 11.36 -11.81 22.05
CA LYS A 484 11.33 -10.70 22.98
C LYS A 484 12.71 -10.37 23.55
N GLU A 485 13.77 -10.97 23.01
CA GLU A 485 15.11 -10.82 23.55
C GLU A 485 16.05 -10.05 22.64
N CYS A 486 15.53 -9.44 21.58
CA CYS A 486 16.36 -8.62 20.70
C CYS A 486 15.46 -7.69 19.89
N ALA A 487 16.07 -6.63 19.36
CA ALA A 487 15.38 -5.65 18.54
C ALA A 487 15.84 -5.75 17.09
N LEU A 488 15.14 -5.03 16.22
CA LEU A 488 15.35 -5.15 14.78
C LEU A 488 15.16 -3.78 14.14
N LEU A 489 16.21 -3.26 13.51
CA LEU A 489 16.18 -1.97 12.83
C LEU A 489 16.65 -2.13 11.39
N THR A 490 16.04 -1.38 10.48
CA THR A 490 16.46 -1.40 9.09
C THR A 490 16.05 -0.10 8.42
N ASP A 491 16.77 0.25 7.35
CA ASP A 491 16.35 1.32 6.46
C ASP A 491 15.45 0.83 5.35
N GLY A 492 15.14 -0.47 5.33
CA GLY A 492 14.18 -1.06 4.42
C GLY A 492 12.83 -1.27 5.09
N ARG A 493 12.23 -2.43 4.84
CA ARG A 493 10.92 -2.75 5.39
C ARG A 493 10.91 -4.17 5.92
N PHE A 494 10.25 -4.36 7.06
CA PHE A 494 9.94 -5.67 7.61
C PHE A 494 8.45 -5.94 7.43
N SER A 495 8.11 -7.21 7.26
CA SER A 495 6.72 -7.60 7.00
C SER A 495 5.95 -7.86 8.28
N GLY A 496 6.43 -8.78 9.11
CA GLY A 496 5.76 -9.16 10.33
C GLY A 496 6.43 -8.62 11.58
N GLY A 497 5.82 -8.96 12.72
CA GLY A 497 6.32 -8.56 14.01
C GLY A 497 6.99 -9.72 14.73
N SER A 498 7.96 -9.38 15.58
CA SER A 498 8.70 -10.36 16.36
C SER A 498 8.29 -10.38 17.83
N HIS A 499 7.10 -9.83 18.14
CA HIS A 499 6.64 -9.63 19.52
C HIS A 499 7.61 -8.76 20.32
N GLY A 500 8.44 -7.99 19.63
CA GLY A 500 9.36 -7.08 20.29
C GLY A 500 9.35 -5.72 19.62
N PHE A 501 10.53 -5.18 19.31
CA PHE A 501 10.67 -3.87 18.71
C PHE A 501 11.22 -4.05 17.30
N VAL A 502 10.38 -3.80 16.29
CA VAL A 502 10.73 -3.95 14.89
C VAL A 502 10.46 -2.62 14.20
N VAL A 503 11.51 -1.99 13.70
CA VAL A 503 11.44 -0.65 13.13
C VAL A 503 11.99 -0.67 11.71
N GLY A 504 11.29 0.03 10.81
CA GLY A 504 11.74 0.17 9.43
C GLY A 504 11.64 1.61 8.96
N HIS A 505 11.94 1.84 7.68
CA HIS A 505 11.83 3.16 7.05
C HIS A 505 12.77 4.17 7.70
N ILE A 506 13.89 3.70 8.27
CA ILE A 506 14.79 4.58 9.00
C ILE A 506 15.45 5.54 8.00
N CYS A 507 15.25 6.85 8.21
CA CYS A 507 15.77 7.88 7.34
C CYS A 507 16.75 8.78 8.08
N PRO A 508 17.83 9.22 7.43
CA PRO A 508 18.21 8.85 6.06
C PRO A 508 18.76 7.42 5.99
N GLU A 509 18.56 6.77 4.84
CA GLU A 509 19.05 5.41 4.66
C GLU A 509 20.57 5.36 4.68
N ALA A 510 21.10 4.15 4.86
CA ALA A 510 22.55 3.98 5.00
C ALA A 510 23.29 4.37 3.73
N GLN A 511 22.67 4.19 2.56
CA GLN A 511 23.30 4.59 1.32
C GLN A 511 23.48 6.11 1.25
N GLU A 512 22.56 6.85 1.85
CA GLU A 512 22.62 8.32 1.85
C GLU A 512 23.49 8.88 2.95
N GLY A 513 24.20 8.05 3.71
CA GLY A 513 25.08 8.53 4.75
C GLY A 513 24.39 8.89 6.04
N GLY A 514 23.18 8.40 6.28
CA GLY A 514 22.47 8.66 7.52
C GLY A 514 23.17 8.01 8.70
N PRO A 515 22.77 8.39 9.91
CA PRO A 515 23.40 7.80 11.10
C PRO A 515 23.32 6.28 11.14
N ILE A 516 22.33 5.67 10.48
CA ILE A 516 22.23 4.22 10.46
C ILE A 516 23.44 3.61 9.77
N GLY A 517 24.05 4.33 8.85
CA GLY A 517 25.25 3.87 8.17
C GLY A 517 26.53 4.08 8.94
N LEU A 518 26.48 4.73 10.10
CA LEU A 518 27.65 5.00 10.91
C LEU A 518 27.72 4.12 12.15
N ILE A 519 26.70 3.28 12.40
CA ILE A 519 26.69 2.45 13.60
C ILE A 519 27.77 1.37 13.49
N LYS A 520 28.45 1.12 14.61
CA LYS A 520 29.43 0.05 14.70
C LYS A 520 28.96 -1.00 15.69
N ASN A 521 29.52 -2.20 15.56
CA ASN A 521 29.19 -3.27 16.49
C ASN A 521 29.60 -2.88 17.91
N GLY A 522 28.71 -3.16 18.86
CA GLY A 522 28.92 -2.80 20.24
C GLY A 522 28.29 -1.48 20.65
N ASP A 523 27.89 -0.65 19.69
CA ASP A 523 27.21 0.60 20.01
C ASP A 523 25.92 0.31 20.76
N ILE A 524 25.73 1.01 21.89
CA ILE A 524 24.54 0.82 22.69
C ILE A 524 23.42 1.64 22.06
N ILE A 525 22.38 0.96 21.58
CA ILE A 525 21.21 1.60 21.00
C ILE A 525 20.05 1.45 21.96
N THR A 526 19.32 2.54 22.18
CA THR A 526 18.19 2.56 23.10
C THR A 526 16.94 3.03 22.37
N ILE A 527 15.93 2.18 22.32
CA ILE A 527 14.64 2.51 21.72
C ILE A 527 13.69 2.93 22.83
N ASP A 528 13.10 4.12 22.69
CA ASP A 528 12.20 4.68 23.70
C ASP A 528 10.88 5.00 23.00
N ILE A 529 9.88 4.14 23.18
CA ILE A 529 8.58 4.36 22.55
C ILE A 529 7.89 5.57 23.16
N GLY A 530 8.06 5.78 24.47
CA GLY A 530 7.46 6.94 25.11
C GLY A 530 7.98 8.25 24.56
N ALA A 531 9.30 8.34 24.37
CA ALA A 531 9.91 9.52 23.78
C ALA A 531 9.94 9.48 22.26
N ALA A 532 9.58 8.34 21.65
CA ALA A 532 9.59 8.16 20.20
C ALA A 532 10.97 8.48 19.62
N ARG A 533 11.98 7.81 20.17
CA ARG A 533 13.37 8.07 19.82
C ARG A 533 14.15 6.77 19.74
N ILE A 534 15.02 6.68 18.73
CA ILE A 534 16.02 5.64 18.63
C ILE A 534 17.38 6.31 18.79
N ASP A 535 17.99 6.15 19.96
CA ASP A 535 19.18 6.89 20.33
C ASP A 535 20.37 5.97 20.48
N THR A 536 21.56 6.55 20.37
CA THR A 536 22.81 5.84 20.55
C THR A 536 23.62 6.48 21.67
N GLN A 537 24.39 5.65 22.37
CA GLN A 537 25.26 6.15 23.44
C GLN A 537 26.50 6.84 22.90
N VAL A 538 26.87 6.58 21.64
CA VAL A 538 27.99 7.26 21.03
C VAL A 538 27.70 8.76 20.99
N SER A 539 28.68 9.55 21.43
CA SER A 539 28.50 10.99 21.48
C SER A 539 28.26 11.54 20.07
N PRO A 540 27.50 12.64 19.95
CA PRO A 540 27.31 13.25 18.63
C PRO A 540 28.59 13.72 17.99
N GLU A 541 29.66 13.92 18.77
CA GLU A 541 30.94 14.31 18.20
C GLU A 541 31.64 13.15 17.52
N GLU A 542 31.65 11.98 18.16
CA GLU A 542 32.20 10.80 17.50
C GLU A 542 31.33 10.36 16.33
N MET A 543 30.02 10.59 16.43
CA MET A 543 29.13 10.31 15.29
C MET A 543 29.53 11.15 14.08
N ASN A 544 29.79 12.45 14.31
CA ASN A 544 30.23 13.32 13.22
C ASN A 544 31.65 12.98 12.78
N ASP A 545 32.45 12.41 13.68
CA ASP A 545 33.78 11.95 13.28
C ASP A 545 33.68 10.79 12.29
N ARG A 546 32.74 9.88 12.52
CA ARG A 546 32.53 8.78 11.57
C ARG A 546 31.96 9.30 10.26
N ARG A 547 31.09 10.31 10.32
CA ARG A 547 30.47 10.83 9.11
C ARG A 547 31.49 11.47 8.19
N LYS A 548 32.51 12.14 8.76
CA LYS A 548 33.54 12.77 7.94
C LYS A 548 34.41 11.75 7.24
N LYS A 549 34.51 10.53 7.76
CA LYS A 549 35.31 9.47 7.14
C LYS A 549 34.46 8.55 6.26
N TRP A 550 33.15 8.73 6.24
CA TRP A 550 32.27 7.81 5.52
C TRP A 550 32.24 8.15 4.03
N THR A 551 32.36 7.12 3.19
CA THR A 551 32.20 7.25 1.75
C THR A 551 31.06 6.37 1.29
N ALA A 552 30.30 6.84 0.32
CA ALA A 552 29.14 6.11 -0.16
C ALA A 552 29.57 4.85 -0.89
N PRO A 553 28.99 3.69 -0.58
CA PRO A 553 29.30 2.48 -1.36
C PRO A 553 28.78 2.63 -2.78
N ALA A 554 29.38 1.85 -3.68
CA ALA A 554 28.95 1.86 -5.07
C ALA A 554 27.54 1.31 -5.19
N TYR A 555 26.79 1.86 -6.14
CA TYR A 555 25.45 1.36 -6.41
C TYR A 555 25.53 -0.07 -6.92
N LYS A 556 24.60 -0.90 -6.46
CA LYS A 556 24.61 -2.32 -6.82
C LYS A 556 24.22 -2.57 -8.27
N VAL A 557 23.65 -1.58 -8.96
CA VAL A 557 23.32 -1.68 -10.37
C VAL A 557 23.81 -0.42 -11.07
N ASN A 558 23.99 -0.54 -12.39
CA ASN A 558 24.35 0.60 -13.22
C ASN A 558 23.48 0.74 -14.46
N ARG A 559 22.50 -0.14 -14.65
CA ARG A 559 21.61 -0.09 -15.80
C ARG A 559 20.22 -0.56 -15.36
N GLY A 560 19.25 -0.40 -16.24
CA GLY A 560 17.94 -0.96 -16.02
C GLY A 560 17.03 -0.08 -15.16
N VAL A 561 15.85 -0.65 -14.88
CA VAL A 561 14.82 0.10 -14.17
C VAL A 561 15.23 0.40 -12.73
N LEU A 562 16.01 -0.49 -12.11
CA LEU A 562 16.44 -0.23 -10.73
C LEU A 562 17.44 0.91 -10.65
N TYR A 563 18.23 1.13 -11.71
CA TYR A 563 19.12 2.28 -11.69
C TYR A 563 18.37 3.59 -11.91
N LYS A 564 17.30 3.55 -12.70
CA LYS A 564 16.43 4.73 -12.81
C LYS A 564 15.71 5.00 -11.50
N TYR A 565 15.35 3.96 -10.76
CA TYR A 565 14.77 4.14 -9.43
C TYR A 565 15.75 4.86 -8.51
N ILE A 566 17.01 4.43 -8.53
CA ILE A 566 18.04 5.08 -7.71
C ILE A 566 18.18 6.55 -8.10
N LYS A 567 18.06 6.85 -9.39
CA LYS A 567 18.20 8.22 -9.86
C LYS A 567 16.99 9.09 -9.53
N ASN A 568 15.86 8.50 -9.17
CA ASN A 568 14.60 9.22 -9.07
C ASN A 568 13.96 9.19 -7.70
N VAL A 569 14.17 8.14 -6.91
CA VAL A 569 13.35 7.92 -5.72
C VAL A 569 13.73 8.92 -4.63
N GLN A 570 12.72 9.36 -3.88
CA GLN A 570 12.92 10.18 -2.70
C GLN A 570 13.01 9.29 -1.46
N SER A 571 13.08 9.92 -0.29
CA SER A 571 13.26 9.18 0.94
C SER A 571 11.95 8.48 1.35
N ALA A 572 12.07 7.61 2.36
CA ALA A 572 10.90 6.90 2.87
C ALA A 572 9.90 7.86 3.52
N SER A 573 10.41 8.86 4.26
CA SER A 573 9.54 9.86 4.86
C SER A 573 8.79 10.68 3.82
N ASP A 574 9.19 10.60 2.55
CA ASP A 574 8.51 11.28 1.46
C ASP A 574 7.65 10.33 0.63
N GLY A 575 7.49 9.10 1.08
CA GLY A 575 6.69 8.12 0.36
C GLY A 575 7.38 7.46 -0.81
N CYS A 576 8.69 7.67 -0.97
CA CYS A 576 9.47 7.08 -2.07
C CYS A 576 8.89 7.45 -3.44
N VAL A 577 8.40 8.68 -3.56
CA VAL A 577 7.95 9.17 -4.86
C VAL A 577 9.16 9.36 -5.76
N THR A 578 8.92 9.28 -7.08
CA THR A 578 9.99 9.31 -8.06
C THR A 578 9.83 10.40 -9.11
N ASP A 579 8.78 11.20 -9.05
CA ASP A 579 8.47 12.18 -10.09
C ASP A 579 8.54 13.61 -9.59
N GLU A 580 9.44 13.89 -8.64
CA GLU A 580 9.55 15.23 -8.08
C GLU A 580 10.96 15.78 -8.22
FE1 FES B . -0.40 -10.76 -3.73
FE2 FES B . 1.55 -10.73 -1.85
S1 FES B . 1.69 -11.44 -3.94
S2 FES B . -0.56 -10.13 -1.62
#